data_7D8F
#
_entry.id   7D8F
#
_cell.length_a   38.402
_cell.length_b   52.148
_cell.length_c   120.017
_cell.angle_alpha   90.000
_cell.angle_beta   90.000
_cell.angle_gamma   90.000
#
_symmetry.space_group_name_H-M   'P 21 21 21'
#
loop_
_entity.id
_entity.type
_entity.pdbx_description
1 polymer 'Alpha N-terminal protein methyltransferase 1'
2 non-polymer S-ADENOSYL-L-HOMOCYSTEINE
3 water water
#
_entity_poly.entity_id   1
_entity_poly.type   'polypeptide(L)'
_entity_poly.pdbx_seq_one_letter_code
;HHMDVPADSHIKYEDAIDYWTDVDATVDGVLGGYGEGTVVPTMDVLGSNNFLRKLKSRMLPQENNVKYAVDIGAGIGRVS
KTMLHKHAAKIDLVEPVKPFIEQMHVELAELKDKGQIGQIYEVGMQDWTPDAGKYWLIWCQWCVGHLPDAELVAFLKRCI
VGLQPNGTIVVKENNTPTDTDDFDETDSSVTRSDAKFRQIFEEAGLKLIASERQRGLPRELYPVRMYALKPMPN
;
_entity_poly.pdbx_strand_id   A
#
# COMPACT_ATOMS: atom_id res chain seq x y z
N HIS A 1 -16.18 -8.39 23.84
CA HIS A 1 -16.30 -8.38 25.33
C HIS A 1 -14.97 -8.07 25.98
N HIS A 2 -15.01 -7.93 27.32
CA HIS A 2 -13.80 -7.65 28.08
C HIS A 2 -12.79 -8.77 28.04
N MET A 3 -13.17 -9.97 27.59
CA MET A 3 -12.25 -11.09 27.56
CA MET A 3 -12.28 -11.12 27.55
C MET A 3 -11.56 -11.26 26.21
N ASP A 4 -12.14 -10.72 25.15
CA ASP A 4 -11.58 -10.83 23.81
CA ASP A 4 -11.52 -10.89 23.84
C ASP A 4 -10.39 -9.89 23.64
N VAL A 5 -9.35 -10.35 22.99
CA VAL A 5 -8.18 -9.54 22.61
C VAL A 5 -8.24 -9.37 21.10
N PRO A 6 -8.38 -8.15 20.59
CA PRO A 6 -8.49 -7.96 19.15
C PRO A 6 -7.23 -8.43 18.44
N ALA A 7 -7.41 -8.91 17.20
CA ALA A 7 -6.28 -9.36 16.39
C ALA A 7 -5.20 -8.29 16.32
N ASP A 8 -5.58 -7.02 16.14
CA ASP A 8 -4.58 -5.97 15.94
C ASP A 8 -3.85 -5.61 17.22
N SER A 9 -4.30 -6.09 18.39
CA SER A 9 -3.57 -5.86 19.63
C SER A 9 -2.24 -6.59 19.65
N HIS A 10 -2.08 -7.61 18.81
CA HIS A 10 -0.86 -8.40 18.80
C HIS A 10 0.25 -7.79 17.97
N ILE A 11 -0.07 -6.79 17.15
CA ILE A 11 0.94 -6.18 16.30
C ILE A 11 2.01 -5.52 17.16
N LYS A 12 3.27 -5.77 16.82
CA LYS A 12 4.40 -5.11 17.43
C LYS A 12 5.33 -4.66 16.32
N TYR A 13 5.49 -3.36 16.15
CA TYR A 13 6.29 -2.85 15.04
C TYR A 13 7.68 -3.48 15.02
N GLU A 14 8.29 -3.62 16.20
CA GLU A 14 9.65 -4.13 16.25
C GLU A 14 9.73 -5.57 15.75
N ASP A 15 8.69 -6.36 15.99
CA ASP A 15 8.67 -7.73 15.50
C ASP A 15 8.56 -7.75 13.98
N ALA A 16 7.74 -6.86 13.41
CA ALA A 16 7.65 -6.79 11.97
C ALA A 16 9.00 -6.43 11.36
N ILE A 17 9.67 -5.43 11.92
CA ILE A 17 10.95 -4.99 11.36
C ILE A 17 11.99 -6.10 11.50
N ASP A 18 11.98 -6.82 12.62
CA ASP A 18 12.89 -7.94 12.79
C ASP A 18 12.67 -9.00 11.71
N TYR A 19 11.40 -9.28 11.36
CA TYR A 19 11.13 -10.24 10.31
C TYR A 19 11.63 -9.74 8.97
N TRP A 20 11.19 -8.55 8.58
CA TRP A 20 11.48 -8.06 7.23
C TRP A 20 12.96 -7.80 7.00
N THR A 21 13.69 -7.40 8.04
CA THR A 21 15.11 -7.13 7.87
C THR A 21 15.87 -8.38 7.46
N ASP A 22 15.33 -9.56 7.76
CA ASP A 22 15.95 -10.82 7.39
C ASP A 22 15.36 -11.46 6.13
N VAL A 23 14.39 -10.84 5.51
CA VAL A 23 13.83 -11.31 4.24
C VAL A 23 14.76 -10.90 3.11
N ASP A 24 14.92 -11.79 2.14
CA ASP A 24 15.76 -11.47 1.00
C ASP A 24 15.26 -10.22 0.28
N ALA A 25 16.18 -9.34 -0.11
CA ALA A 25 15.84 -8.09 -0.78
C ALA A 25 15.67 -8.34 -2.28
N THR A 26 14.65 -9.13 -2.59
CA THR A 26 14.37 -9.56 -3.94
C THR A 26 12.86 -9.64 -4.10
N VAL A 27 12.40 -9.78 -5.34
CA VAL A 27 10.98 -9.99 -5.59
C VAL A 27 10.49 -11.25 -4.89
N ASP A 28 11.25 -12.34 -5.00
CA ASP A 28 10.90 -13.57 -4.28
CA ASP A 28 10.88 -13.56 -4.29
C ASP A 28 10.78 -13.31 -2.78
N GLY A 29 11.68 -12.51 -2.23
CA GLY A 29 11.64 -12.21 -0.81
C GLY A 29 10.39 -11.45 -0.42
N VAL A 30 10.14 -10.31 -1.06
CA VAL A 30 9.03 -9.48 -0.63
C VAL A 30 7.71 -10.15 -0.94
N LEU A 31 7.66 -11.02 -1.96
CA LEU A 31 6.44 -11.73 -2.30
C LEU A 31 6.39 -13.13 -1.69
N GLY A 32 7.22 -13.40 -0.69
CA GLY A 32 7.10 -14.61 0.09
C GLY A 32 7.19 -15.89 -0.70
N GLY A 33 8.04 -15.90 -1.73
CA GLY A 33 8.23 -17.06 -2.57
C GLY A 33 7.45 -17.02 -3.87
N TYR A 34 6.60 -16.02 -4.07
CA TYR A 34 5.80 -15.91 -5.27
C TYR A 34 6.38 -14.85 -6.21
N GLY A 35 7.62 -15.12 -6.62
CA GLY A 35 8.37 -14.23 -7.48
C GLY A 35 8.19 -14.53 -8.95
N GLU A 36 9.21 -14.18 -9.75
CA GLU A 36 9.05 -14.20 -11.20
C GLU A 36 8.91 -15.60 -11.76
N GLY A 37 9.22 -16.65 -10.99
CA GLY A 37 8.94 -18.01 -11.40
C GLY A 37 7.51 -18.45 -11.25
N THR A 38 6.68 -17.55 -10.74
CA THR A 38 5.25 -17.75 -10.59
C THR A 38 4.52 -16.72 -11.43
N VAL A 39 3.19 -16.84 -11.46
CA VAL A 39 2.39 -15.85 -12.16
C VAL A 39 2.18 -14.56 -11.37
N VAL A 40 2.59 -14.51 -10.11
CA VAL A 40 2.11 -13.44 -9.24
C VAL A 40 2.60 -12.06 -9.67
N PRO A 41 3.89 -11.84 -9.94
CA PRO A 41 4.28 -10.48 -10.37
C PRO A 41 3.54 -10.02 -11.62
N THR A 42 3.44 -10.89 -12.61
CA THR A 42 2.79 -10.52 -13.86
C THR A 42 1.30 -10.22 -13.63
N MET A 43 0.60 -11.08 -12.89
CA MET A 43 -0.81 -10.85 -12.63
C MET A 43 -1.01 -9.58 -11.82
N ASP A 44 -0.16 -9.37 -10.80
CA ASP A 44 -0.27 -8.19 -9.97
C ASP A 44 -0.18 -6.92 -10.79
N VAL A 45 0.83 -6.85 -11.66
CA VAL A 45 1.04 -5.66 -12.46
C VAL A 45 -0.11 -5.45 -13.43
N LEU A 46 -0.57 -6.53 -14.06
CA LEU A 46 -1.70 -6.43 -14.96
C LEU A 46 -2.94 -5.90 -14.24
N GLY A 47 -3.23 -6.46 -13.06
CA GLY A 47 -4.40 -6.01 -12.32
C GLY A 47 -4.30 -4.56 -11.90
N SER A 48 -3.13 -4.13 -11.45
CA SER A 48 -2.94 -2.74 -11.07
C SER A 48 -3.04 -1.81 -12.27
N ASN A 49 -2.46 -2.20 -13.40
CA ASN A 49 -2.57 -1.38 -14.60
C ASN A 49 -4.01 -1.28 -15.05
N ASN A 50 -4.74 -2.38 -15.02
CA ASN A 50 -6.15 -2.33 -15.41
C ASN A 50 -6.95 -1.45 -14.47
N PHE A 51 -6.65 -1.51 -13.18
CA PHE A 51 -7.35 -0.69 -12.20
C PHE A 51 -7.10 0.78 -12.46
N LEU A 52 -5.85 1.17 -12.68
CA LEU A 52 -5.53 2.56 -12.98
C LEU A 52 -6.13 3.01 -14.30
N ARG A 53 -6.23 2.12 -15.28
CA ARG A 53 -6.92 2.48 -16.52
C ARG A 53 -8.39 2.77 -16.26
N LYS A 54 -9.07 1.91 -15.48
CA LYS A 54 -10.46 2.16 -15.11
C LYS A 54 -10.60 3.49 -14.40
N LEU A 55 -9.62 3.86 -13.61
CA LEU A 55 -9.67 5.07 -12.81
C LEU A 55 -9.21 6.31 -13.54
N LYS A 56 -8.77 6.21 -14.79
CA LYS A 56 -8.17 7.38 -15.45
C LYS A 56 -9.10 8.59 -15.39
N SER A 57 -10.38 8.39 -15.66
CA SER A 57 -11.32 9.51 -15.68
C SER A 57 -11.54 10.11 -14.29
N ARG A 58 -11.15 9.40 -13.24
CA ARG A 58 -11.26 9.84 -11.86
C ARG A 58 -9.99 10.47 -11.32
N MET A 59 -8.95 10.56 -12.15
CA MET A 59 -7.63 10.95 -11.69
C MET A 59 -7.03 12.03 -12.58
N LEU A 60 -7.85 12.85 -13.20
CA LEU A 60 -7.31 13.94 -13.98
C LEU A 60 -6.66 14.96 -13.03
N PRO A 61 -5.40 15.34 -13.25
CA PRO A 61 -4.80 16.36 -12.39
C PRO A 61 -5.51 17.69 -12.55
N GLN A 62 -5.56 18.42 -11.44
CA GLN A 62 -6.23 19.71 -11.36
C GLN A 62 -5.22 20.76 -10.89
N GLU A 63 -5.59 22.02 -11.10
CA GLU A 63 -4.84 23.15 -10.58
C GLU A 63 -3.37 23.06 -10.96
N ASN A 64 -3.12 22.72 -12.22
CA ASN A 64 -1.79 22.75 -12.83
C ASN A 64 -0.85 21.71 -12.28
N ASN A 65 -1.36 20.68 -11.62
CA ASN A 65 -0.50 19.65 -11.05
C ASN A 65 -0.03 18.65 -12.09
N VAL A 66 0.99 17.89 -11.70
CA VAL A 66 1.46 16.72 -12.43
C VAL A 66 1.29 15.49 -11.54
N LYS A 67 1.50 14.32 -12.14
CA LYS A 67 1.13 13.06 -11.52
C LYS A 67 2.24 12.56 -10.59
N TYR A 68 2.35 13.22 -9.44
CA TYR A 68 3.32 12.85 -8.41
C TYR A 68 2.69 11.76 -7.56
N ALA A 69 3.33 10.59 -7.50
CA ALA A 69 2.83 9.49 -6.71
C ALA A 69 3.78 9.17 -5.56
N VAL A 70 3.27 8.42 -4.59
CA VAL A 70 4.11 7.83 -3.54
C VAL A 70 3.73 6.37 -3.38
N ASP A 71 4.76 5.54 -3.24
CA ASP A 71 4.70 4.08 -3.10
C ASP A 71 4.94 3.78 -1.64
N ILE A 72 3.87 3.40 -0.94
CA ILE A 72 3.90 3.19 0.51
C ILE A 72 4.17 1.73 0.82
N GLY A 73 5.03 1.47 1.79
CA GLY A 73 5.41 0.10 2.09
C GLY A 73 6.14 -0.51 0.92
N ALA A 74 7.09 0.23 0.37
CA ALA A 74 7.57 -0.04 -0.98
C ALA A 74 8.50 -1.24 -1.10
N GLY A 75 9.06 -1.71 -0.02
CA GLY A 75 9.95 -2.85 -0.15
C GLY A 75 11.19 -2.46 -0.91
N ILE A 76 11.54 -3.26 -1.93
CA ILE A 76 12.70 -2.97 -2.77
C ILE A 76 12.32 -2.08 -3.95
N GLY A 77 11.08 -1.58 -3.98
CA GLY A 77 10.64 -0.73 -5.05
C GLY A 77 9.97 -1.43 -6.20
N ARG A 78 9.56 -2.70 -6.02
CA ARG A 78 9.00 -3.49 -7.11
C ARG A 78 7.82 -2.80 -7.79
N VAL A 79 6.89 -2.27 -7.00
CA VAL A 79 5.69 -1.68 -7.59
C VAL A 79 6.06 -0.47 -8.43
N SER A 80 7.01 0.34 -7.95
CA SER A 80 7.46 1.49 -8.73
C SER A 80 8.20 1.07 -10.00
N LYS A 81 9.10 0.08 -9.87
CA LYS A 81 9.94 -0.37 -10.97
C LYS A 81 9.13 -0.98 -12.10
N THR A 82 8.06 -1.69 -11.75
CA THR A 82 7.36 -2.52 -12.73
C THR A 82 5.97 -2.00 -13.09
N MET A 83 5.47 -0.95 -12.41
CA MET A 83 4.09 -0.53 -12.60
C MET A 83 3.95 0.98 -12.48
N LEU A 84 4.24 1.54 -11.32
CA LEU A 84 3.89 2.94 -11.08
CA LEU A 84 3.89 2.95 -11.07
C LEU A 84 4.64 3.91 -11.99
N HIS A 85 5.87 3.56 -12.37
CA HIS A 85 6.67 4.50 -13.13
C HIS A 85 6.04 4.84 -14.47
N LYS A 86 5.21 3.96 -15.03
CA LYS A 86 4.57 4.26 -16.30
C LYS A 86 3.51 5.33 -16.13
N HIS A 87 2.82 5.34 -15.00
CA HIS A 87 1.71 6.23 -14.74
C HIS A 87 2.13 7.57 -14.16
N ALA A 88 3.19 7.59 -13.38
CA ALA A 88 3.53 8.74 -12.56
C ALA A 88 4.60 9.60 -13.21
N ALA A 89 4.49 10.92 -12.99
CA ALA A 89 5.54 11.84 -13.38
C ALA A 89 6.75 11.75 -12.46
N LYS A 90 6.52 11.45 -11.18
CA LYS A 90 7.57 11.42 -10.18
C LYS A 90 7.04 10.51 -9.07
N ILE A 91 7.96 9.87 -8.34
CA ILE A 91 7.59 8.91 -7.32
C ILE A 91 8.46 9.13 -6.08
N ASP A 92 7.81 9.25 -4.93
CA ASP A 92 8.47 9.10 -3.64
C ASP A 92 8.14 7.69 -3.13
N LEU A 93 8.95 7.20 -2.19
CA LEU A 93 8.71 5.88 -1.61
C LEU A 93 8.84 5.97 -0.09
N VAL A 94 8.05 5.17 0.61
CA VAL A 94 8.09 5.07 2.06
C VAL A 94 8.36 3.62 2.40
N GLU A 95 9.45 3.35 3.12
CA GLU A 95 9.82 1.99 3.47
C GLU A 95 10.71 2.03 4.69
N PRO A 96 10.40 1.25 5.75
CA PRO A 96 11.23 1.32 6.96
C PRO A 96 12.48 0.45 6.95
N VAL A 97 12.58 -0.59 6.13
CA VAL A 97 13.61 -1.62 6.29
C VAL A 97 14.84 -1.27 5.47
N LYS A 98 15.98 -1.16 6.15
CA LYS A 98 17.17 -0.62 5.51
C LYS A 98 17.71 -1.48 4.38
N PRO A 99 17.82 -2.81 4.53
CA PRO A 99 18.31 -3.60 3.38
C PRO A 99 17.40 -3.47 2.17
N PHE A 100 16.11 -3.20 2.38
CA PHE A 100 15.22 -2.98 1.25
C PHE A 100 15.49 -1.63 0.61
N ILE A 101 15.69 -0.59 1.42
CA ILE A 101 16.05 0.72 0.92
C ILE A 101 17.34 0.63 0.10
N GLU A 102 18.33 -0.09 0.63
CA GLU A 102 19.59 -0.21 -0.10
C GLU A 102 19.39 -0.87 -1.47
N GLN A 103 18.59 -1.94 -1.52
CA GLN A 103 18.35 -2.61 -2.78
C GLN A 103 17.51 -1.76 -3.72
N MET A 104 16.64 -0.92 -3.17
CA MET A 104 15.83 -0.01 -3.97
C MET A 104 16.70 0.86 -4.85
N HIS A 105 17.85 1.29 -4.35
CA HIS A 105 18.72 2.11 -5.19
C HIS A 105 19.20 1.35 -6.42
N VAL A 106 19.35 0.02 -6.31
CA VAL A 106 19.69 -0.81 -7.46
C VAL A 106 18.47 -1.02 -8.35
N GLU A 107 17.34 -1.41 -7.75
CA GLU A 107 16.15 -1.72 -8.52
C GLU A 107 15.65 -0.52 -9.31
N LEU A 108 15.77 0.67 -8.73
CA LEU A 108 15.23 1.89 -9.32
C LEU A 108 16.28 2.68 -10.07
N ALA A 109 17.43 2.08 -10.37
CA ALA A 109 18.52 2.83 -10.99
C ALA A 109 18.09 3.52 -12.28
N GLU A 110 17.34 2.83 -13.14
CA GLU A 110 16.95 3.44 -14.40
C GLU A 110 15.98 4.59 -14.19
N LEU A 111 15.12 4.50 -13.17
CA LEU A 111 14.22 5.61 -12.87
C LEU A 111 15.00 6.78 -12.27
N LYS A 112 16.01 6.49 -11.44
CA LYS A 112 16.86 7.56 -10.90
C LYS A 112 17.61 8.27 -12.01
N ASP A 113 17.99 7.56 -13.07
CA ASP A 113 18.66 8.22 -14.18
C ASP A 113 17.81 9.31 -14.80
N LYS A 114 16.49 9.14 -14.77
CA LYS A 114 15.53 10.11 -15.29
C LYS A 114 15.16 11.17 -14.25
N GLY A 115 15.66 11.06 -13.03
CA GLY A 115 15.25 11.92 -11.95
C GLY A 115 13.84 11.66 -11.49
N GLN A 116 13.27 10.50 -11.82
CA GLN A 116 11.87 10.21 -11.53
C GLN A 116 11.63 9.84 -10.08
N ILE A 117 12.67 9.56 -9.31
CA ILE A 117 12.53 9.29 -7.89
C ILE A 117 12.82 10.57 -7.12
N GLY A 118 11.87 11.00 -6.31
CA GLY A 118 12.04 12.20 -5.52
C GLY A 118 12.73 11.90 -4.20
N GLN A 119 11.97 11.46 -3.23
CA GLN A 119 12.46 11.20 -1.88
CA GLN A 119 12.49 11.19 -1.90
C GLN A 119 12.14 9.77 -1.49
N ILE A 120 13.09 9.11 -0.85
CA ILE A 120 12.88 7.82 -0.20
C ILE A 120 12.84 8.11 1.29
N TYR A 121 11.67 7.92 1.89
CA TYR A 121 11.45 8.17 3.31
C TYR A 121 11.65 6.85 4.04
N GLU A 122 12.70 6.80 4.85
CA GLU A 122 13.12 5.60 5.55
C GLU A 122 12.45 5.62 6.91
N VAL A 123 11.20 5.19 6.93
CA VAL A 123 10.33 5.34 8.09
C VAL A 123 9.18 4.38 7.93
N GLY A 124 8.56 3.99 9.05
CA GLY A 124 7.29 3.33 9.01
C GLY A 124 6.18 4.29 8.67
N MET A 125 5.14 3.79 7.99
CA MET A 125 4.09 4.71 7.55
C MET A 125 3.40 5.37 8.74
N GLN A 126 3.39 4.70 9.90
CA GLN A 126 2.76 5.26 11.09
C GLN A 126 3.42 6.53 11.57
N ASP A 127 4.67 6.77 11.19
CA ASP A 127 5.42 7.94 11.63
C ASP A 127 5.62 8.95 10.50
N TRP A 128 5.01 8.72 9.35
CA TRP A 128 5.22 9.52 8.16
C TRP A 128 4.05 10.44 7.90
N THR A 129 4.35 11.65 7.47
CA THR A 129 3.32 12.59 7.06
C THR A 129 3.66 13.11 5.68
N PRO A 130 2.75 13.02 4.72
CA PRO A 130 3.03 13.59 3.40
C PRO A 130 3.07 15.11 3.47
N ASP A 131 3.88 15.71 2.62
CA ASP A 131 3.81 17.15 2.44
C ASP A 131 2.41 17.52 1.96
N ALA A 132 1.87 18.61 2.50
CA ALA A 132 0.49 18.98 2.20
C ALA A 132 0.30 19.22 0.71
N GLY A 133 -0.74 18.60 0.15
CA GLY A 133 -1.11 18.84 -1.23
C GLY A 133 -0.19 18.29 -2.29
N LYS A 134 0.75 17.40 -1.93
CA LYS A 134 1.79 17.02 -2.87
C LYS A 134 1.34 15.97 -3.88
N TYR A 135 0.49 15.03 -3.47
CA TYR A 135 0.35 13.78 -4.21
C TYR A 135 -0.92 13.65 -5.04
N TRP A 136 -0.73 13.28 -6.30
CA TRP A 136 -1.81 12.83 -7.18
C TRP A 136 -2.31 11.44 -6.82
N LEU A 137 -1.41 10.59 -6.34
CA LEU A 137 -1.72 9.21 -6.01
C LEU A 137 -0.87 8.76 -4.84
N ILE A 138 -1.52 8.16 -3.85
CA ILE A 138 -0.84 7.50 -2.73
C ILE A 138 -1.20 6.04 -2.85
N TRP A 139 -0.22 5.20 -3.18
CA TRP A 139 -0.44 3.79 -3.50
C TRP A 139 0.11 2.95 -2.34
N CYS A 140 -0.79 2.26 -1.64
CA CYS A 140 -0.43 1.43 -0.50
C CYS A 140 -0.69 -0.01 -0.87
N GLN A 141 0.34 -0.85 -0.89
CA GLN A 141 0.17 -2.23 -1.30
C GLN A 141 0.86 -3.21 -0.36
N TRP A 142 0.09 -4.16 0.15
CA TRP A 142 0.62 -5.26 0.94
C TRP A 142 1.44 -4.74 2.12
N CYS A 143 0.93 -3.70 2.77
CA CYS A 143 1.63 -3.14 3.91
C CYS A 143 0.77 -2.62 5.04
N VAL A 144 -0.50 -2.25 4.83
CA VAL A 144 -1.24 -1.56 5.89
C VAL A 144 -1.63 -2.48 7.04
N GLY A 145 -1.52 -3.80 6.86
CA GLY A 145 -1.73 -4.70 7.97
C GLY A 145 -0.71 -4.56 9.07
N HIS A 146 0.39 -3.85 8.83
CA HIS A 146 1.38 -3.62 9.86
C HIS A 146 0.94 -2.58 10.88
N LEU A 147 -0.12 -1.83 10.60
CA LEU A 147 -0.66 -0.87 11.54
C LEU A 147 -1.94 -1.40 12.14
N PRO A 148 -2.16 -1.22 13.44
CA PRO A 148 -3.48 -1.52 14.01
C PRO A 148 -4.53 -0.56 13.44
N ASP A 149 -5.79 -0.92 13.67
CA ASP A 149 -6.90 -0.19 13.07
C ASP A 149 -6.82 1.31 13.35
N ALA A 150 -6.66 1.70 14.62
CA ALA A 150 -6.68 3.12 14.95
C ALA A 150 -5.55 3.85 14.24
N GLU A 151 -4.37 3.24 14.22
CA GLU A 151 -3.21 3.84 13.57
C GLU A 151 -3.42 3.93 12.06
N LEU A 152 -4.09 2.95 11.47
CA LEU A 152 -4.37 3.01 10.04
C LEU A 152 -5.36 4.12 9.71
N VAL A 153 -6.41 4.27 10.52
CA VAL A 153 -7.30 5.43 10.34
C VAL A 153 -6.51 6.72 10.39
N ALA A 154 -5.63 6.86 11.39
CA ALA A 154 -4.85 8.07 11.54
C ALA A 154 -3.95 8.32 10.33
N PHE A 155 -3.31 7.25 9.83
CA PHE A 155 -2.46 7.36 8.65
C PHE A 155 -3.27 7.85 7.45
N LEU A 156 -4.45 7.25 7.23
CA LEU A 156 -5.27 7.66 6.10
C LEU A 156 -5.72 9.11 6.23
N LYS A 157 -6.00 9.59 7.44
CA LYS A 157 -6.33 11.00 7.61
C LYS A 157 -5.15 11.89 7.25
N ARG A 158 -3.93 11.48 7.62
CA ARG A 158 -2.76 12.25 7.21
C ARG A 158 -2.58 12.23 5.69
N CYS A 159 -2.86 11.08 5.08
CA CYS A 159 -2.78 10.97 3.63
C CYS A 159 -3.68 12.00 2.95
N ILE A 160 -4.88 12.21 3.48
CA ILE A 160 -5.79 13.18 2.88
C ILE A 160 -5.14 14.55 2.78
N VAL A 161 -4.45 14.97 3.84
CA VAL A 161 -3.76 16.26 3.82
C VAL A 161 -2.72 16.30 2.72
N GLY A 162 -2.08 15.17 2.45
CA GLY A 162 -1.08 15.04 1.41
C GLY A 162 -1.58 14.98 0.00
N LEU A 163 -2.89 14.99 -0.23
CA LEU A 163 -3.41 14.87 -1.59
C LEU A 163 -3.55 16.21 -2.28
N GLN A 164 -3.16 16.23 -3.54
CA GLN A 164 -3.53 17.29 -4.45
C GLN A 164 -5.05 17.38 -4.52
N PRO A 165 -5.59 18.49 -5.02
CA PRO A 165 -6.98 18.47 -5.48
C PRO A 165 -7.18 17.31 -6.45
N ASN A 166 -8.24 16.54 -6.21
CA ASN A 166 -8.56 15.35 -6.99
C ASN A 166 -7.52 14.24 -6.87
N GLY A 167 -6.68 14.27 -5.85
CA GLY A 167 -5.80 13.15 -5.57
C GLY A 167 -6.57 11.93 -5.14
N THR A 168 -5.92 10.77 -5.23
CA THR A 168 -6.52 9.47 -4.95
C THR A 168 -5.61 8.66 -4.04
N ILE A 169 -6.21 7.90 -3.12
CA ILE A 169 -5.50 6.88 -2.36
C ILE A 169 -5.93 5.52 -2.89
N VAL A 170 -4.96 4.64 -3.16
CA VAL A 170 -5.25 3.26 -3.50
C VAL A 170 -4.71 2.38 -2.38
N VAL A 171 -5.50 1.42 -1.97
CA VAL A 171 -5.09 0.39 -1.03
C VAL A 171 -5.28 -0.95 -1.72
N LYS A 172 -4.20 -1.70 -1.90
CA LYS A 172 -4.20 -3.00 -2.54
C LYS A 172 -3.72 -4.01 -1.51
N GLU A 173 -4.63 -4.82 -0.98
CA GLU A 173 -4.36 -5.61 0.20
C GLU A 173 -5.13 -6.92 0.14
N ASN A 174 -4.70 -7.85 0.98
CA ASN A 174 -5.43 -9.09 1.16
C ASN A 174 -6.76 -8.82 1.87
N ASN A 175 -7.70 -9.72 1.66
CA ASN A 175 -8.89 -9.78 2.49
C ASN A 175 -8.99 -11.18 3.08
N THR A 176 -9.40 -11.28 4.34
CA THR A 176 -9.87 -12.55 4.86
C THR A 176 -11.19 -12.91 4.17
N PRO A 177 -11.48 -14.20 4.02
CA PRO A 177 -12.73 -14.59 3.35
C PRO A 177 -13.97 -14.42 4.21
N THR A 178 -13.83 -14.17 5.52
CA THR A 178 -14.96 -13.95 6.42
C THR A 178 -14.74 -12.65 7.18
N ASP A 179 -15.75 -12.26 7.97
CA ASP A 179 -15.72 -11.00 8.70
C ASP A 179 -14.95 -11.07 10.01
N THR A 180 -13.82 -11.76 10.06
CA THR A 180 -12.97 -11.78 11.24
C THR A 180 -11.53 -11.58 10.81
N ASP A 181 -10.86 -10.59 11.39
CA ASP A 181 -9.49 -10.30 11.01
C ASP A 181 -8.55 -11.37 11.57
N ASP A 182 -7.44 -11.59 10.87
CA ASP A 182 -6.47 -12.60 11.26
CA ASP A 182 -6.46 -12.61 11.21
C ASP A 182 -5.12 -11.95 11.55
N PHE A 183 -4.49 -12.35 12.65
CA PHE A 183 -3.16 -11.88 12.99
C PHE A 183 -2.13 -12.91 12.55
N ASP A 184 -1.09 -12.45 11.85
CA ASP A 184 0.00 -13.31 11.40
C ASP A 184 1.22 -13.01 12.27
N GLU A 185 1.62 -14.01 13.07
CA GLU A 185 2.82 -13.88 13.89
C GLU A 185 4.09 -13.76 13.05
N THR A 186 4.06 -14.18 11.79
CA THR A 186 5.27 -14.18 10.97
C THR A 186 5.80 -12.76 10.79
N ASP A 187 4.94 -11.85 10.34
CA ASP A 187 5.35 -10.48 10.02
C ASP A 187 4.73 -9.47 10.98
N SER A 188 4.02 -9.93 12.01
CA SER A 188 3.36 -9.06 12.98
C SER A 188 2.43 -8.07 12.28
N SER A 189 1.47 -8.65 11.56
CA SER A 189 0.52 -7.86 10.79
C SER A 189 -0.84 -8.54 10.82
N VAL A 190 -1.89 -7.74 10.56
CA VAL A 190 -3.22 -8.28 10.45
C VAL A 190 -3.67 -8.32 8.99
N THR A 191 -4.47 -9.34 8.69
CA THR A 191 -5.23 -9.42 7.46
C THR A 191 -6.68 -9.11 7.81
N ARG A 192 -7.25 -8.13 7.10
CA ARG A 192 -8.56 -7.61 7.42
C ARG A 192 -9.62 -8.11 6.47
N SER A 193 -10.85 -8.13 6.95
CA SER A 193 -12.00 -8.37 6.11
C SER A 193 -12.32 -7.13 5.28
N ASP A 194 -13.06 -7.35 4.19
CA ASP A 194 -13.58 -6.23 3.43
C ASP A 194 -14.43 -5.32 4.29
N ALA A 195 -15.25 -5.90 5.17
CA ALA A 195 -16.10 -5.07 6.02
C ALA A 195 -15.27 -4.19 6.94
N LYS A 196 -14.17 -4.72 7.48
CA LYS A 196 -13.30 -3.92 8.33
C LYS A 196 -12.65 -2.79 7.53
N PHE A 197 -12.14 -3.10 6.33
CA PHE A 197 -11.58 -2.03 5.51
C PHE A 197 -12.60 -0.94 5.28
N ARG A 198 -13.85 -1.31 4.95
CA ARG A 198 -14.85 -0.29 4.65
C ARG A 198 -15.14 0.56 5.89
N GLN A 199 -15.12 -0.05 7.08
CA GLN A 199 -15.28 0.71 8.31
C GLN A 199 -14.15 1.70 8.50
N ILE A 200 -12.92 1.24 8.29
CA ILE A 200 -11.75 2.08 8.45
C ILE A 200 -11.78 3.24 7.47
N PHE A 201 -12.14 2.97 6.21
CA PHE A 201 -12.17 4.03 5.23
C PHE A 201 -13.19 5.10 5.61
N GLU A 202 -14.37 4.67 6.07
CA GLU A 202 -15.39 5.62 6.51
CA GLU A 202 -15.40 5.62 6.52
C GLU A 202 -14.88 6.44 7.69
N GLU A 203 -14.27 5.77 8.67
CA GLU A 203 -13.78 6.50 9.84
C GLU A 203 -12.72 7.52 9.46
N ALA A 204 -11.94 7.24 8.42
CA ALA A 204 -10.91 8.15 7.96
C ALA A 204 -11.47 9.29 7.13
N GLY A 205 -12.76 9.30 6.83
CA GLY A 205 -13.32 10.34 6.00
C GLY A 205 -13.10 10.15 4.53
N LEU A 206 -13.00 8.90 4.08
CA LEU A 206 -12.77 8.56 2.70
C LEU A 206 -14.01 7.90 2.11
N LYS A 207 -14.25 8.19 0.84
CA LYS A 207 -15.29 7.56 0.05
C LYS A 207 -14.66 6.56 -0.90
N LEU A 208 -15.25 5.39 -0.97
CA LEU A 208 -14.79 4.35 -1.86
C LEU A 208 -15.36 4.58 -3.25
N ILE A 209 -14.49 4.82 -4.23
CA ILE A 209 -14.97 5.01 -5.60
C ILE A 209 -14.75 3.78 -6.47
N ALA A 210 -13.94 2.81 -6.04
CA ALA A 210 -13.82 1.57 -6.79
C ALA A 210 -13.36 0.49 -5.83
N SER A 211 -13.82 -0.73 -6.10
CA SER A 211 -13.39 -1.92 -5.36
C SER A 211 -13.32 -3.04 -6.38
N GLU A 212 -12.14 -3.57 -6.65
CA GLU A 212 -11.97 -4.59 -7.66
C GLU A 212 -11.09 -5.71 -7.15
N ARG A 213 -11.47 -6.93 -7.50
CA ARG A 213 -10.72 -8.11 -7.12
C ARG A 213 -9.53 -8.30 -8.04
N GLN A 214 -8.37 -8.55 -7.47
CA GLN A 214 -7.21 -8.96 -8.25
C GLN A 214 -7.41 -10.39 -8.73
N ARG A 215 -7.32 -10.59 -10.03
CA ARG A 215 -7.56 -11.89 -10.63
C ARG A 215 -6.27 -12.67 -10.82
N GLY A 216 -6.42 -13.97 -11.04
CA GLY A 216 -5.34 -14.80 -11.47
C GLY A 216 -4.35 -15.23 -10.42
N LEU A 217 -4.62 -15.02 -9.14
CA LEU A 217 -3.61 -15.40 -8.15
C LEU A 217 -3.80 -16.86 -7.73
N PRO A 218 -2.70 -17.51 -7.34
CA PRO A 218 -2.80 -18.87 -6.81
C PRO A 218 -3.86 -18.98 -5.73
N ARG A 219 -4.60 -20.10 -5.76
CA ARG A 219 -5.75 -20.27 -4.89
C ARG A 219 -5.37 -20.31 -3.41
N GLU A 220 -4.14 -20.70 -3.10
CA GLU A 220 -3.73 -20.79 -1.71
C GLU A 220 -3.51 -19.43 -1.05
N LEU A 221 -3.47 -18.35 -1.84
CA LEU A 221 -3.28 -17.01 -1.29
C LEU A 221 -4.62 -16.45 -0.85
N TYR A 222 -4.58 -15.53 0.13
CA TYR A 222 -5.78 -14.76 0.42
C TYR A 222 -6.25 -14.04 -0.85
N PRO A 223 -7.55 -13.81 -0.97
CA PRO A 223 -8.04 -12.85 -1.96
C PRO A 223 -7.35 -11.51 -1.80
N VAL A 224 -7.15 -10.82 -2.91
CA VAL A 224 -6.55 -9.50 -2.94
C VAL A 224 -7.54 -8.54 -3.58
N ARG A 225 -7.70 -7.38 -2.98
CA ARG A 225 -8.62 -6.37 -3.48
CA ARG A 225 -8.63 -6.36 -3.44
C ARG A 225 -7.90 -5.04 -3.63
N MET A 226 -8.33 -4.30 -4.64
CA MET A 226 -7.89 -2.95 -4.92
C MET A 226 -9.03 -2.00 -4.61
N TYR A 227 -8.76 -1.05 -3.72
CA TYR A 227 -9.69 -0.03 -3.30
C TYR A 227 -9.17 1.32 -3.75
N ALA A 228 -10.03 2.14 -4.35
CA ALA A 228 -9.69 3.52 -4.70
C ALA A 228 -10.55 4.45 -3.87
N LEU A 229 -9.91 5.44 -3.28
CA LEU A 229 -10.49 6.25 -2.21
C LEU A 229 -10.26 7.72 -2.49
N LYS A 230 -11.28 8.52 -2.23
CA LYS A 230 -11.26 9.97 -2.37
C LYS A 230 -11.75 10.58 -1.06
N PRO A 231 -11.24 11.73 -0.68
CA PRO A 231 -11.77 12.36 0.53
C PRO A 231 -13.22 12.77 0.36
N MET A 232 -13.98 12.60 1.44
CA MET A 232 -15.34 13.09 1.50
CA MET A 232 -15.34 13.09 1.46
C MET A 232 -15.32 14.61 1.33
N PRO A 233 -16.25 15.19 0.57
CA PRO A 233 -16.29 16.65 0.46
C PRO A 233 -16.81 17.26 1.76
N ASN A 234 -16.45 18.51 1.98
CA ASN A 234 -16.93 19.25 3.14
C ASN A 234 -18.31 19.82 2.84
#